data_4QMM
#
_entry.id   4QMM
#
_cell.length_a   99.653
_cell.length_b   58.636
_cell.length_c   61.789
_cell.angle_alpha   90.00
_cell.angle_beta   94.11
_cell.angle_gamma   90.00
#
_symmetry.space_group_name_H-M   'C 1 2 1'
#
loop_
_entity.id
_entity.type
_entity.pdbx_description
1 polymer 'Serine/threonine-protein kinase 24'
2 non-polymer 1-cyclopropyl-3-{3-[5-(morpholin-4-ylmethyl)-1H-benzimidazol-2-yl]-1H-pyrazol-4-yl}urea
3 non-polymer 'ACETATE ION'
4 non-polymer 1,2-ETHANEDIOL
5 non-polymer 'CHLORIDE ION'
6 water water
#
_entity_poly.entity_id   1
_entity_poly.type   'polypeptide(L)'
_entity_poly.pdbx_seq_one_letter_code
;GPLGSEFMAHSPVQSGLPGMQNLKADPEELFTKLEKIGKGSFGEVFKGIDNRTQKVVAIKIIDLEEAEDEIEDIQQEITV
LSQCDSPYVTKYYGSYLKDTKLWIIMEYLGGGSALDLLEPGPLDETQIATILREILKGLDYLHSEKKIHRDIKAANVLLS
EHGEVKLADFGVAGQLTDTQIKRN(TPO)FVGTPFWMAPEVIKQSAYDSKADIWSLGITAIELARGEPPHSELHPMKVLF
LIPKNNPPTLEGNYSKPLKEFVEACLNKEPSFRPTAKELLKHKFILRNAKKTSYLTELIDRYKRWKAEQSHDDS
;
_entity_poly.pdbx_strand_id   A
#
# COMPACT_ATOMS: atom_id res chain seq x y z
N GLY A 16 -0.33 24.57 -7.78
CA GLY A 16 0.66 23.98 -8.67
C GLY A 16 1.00 22.54 -8.32
N LEU A 17 1.04 21.68 -9.33
CA LEU A 17 1.29 20.25 -9.13
C LEU A 17 2.77 19.91 -9.10
N PRO A 18 3.25 19.37 -7.96
CA PRO A 18 4.66 18.98 -7.81
C PRO A 18 5.12 18.01 -8.92
N GLY A 19 6.27 18.29 -9.51
CA GLY A 19 6.84 17.42 -10.53
C GLY A 19 6.22 17.58 -11.91
N MET A 20 5.26 18.50 -12.04
CA MET A 20 4.65 18.75 -13.35
C MET A 20 5.71 19.23 -14.34
N GLN A 21 5.77 18.58 -15.50
CA GLN A 21 6.81 18.87 -16.48
C GLN A 21 6.35 19.91 -17.49
N ASN A 22 7.30 20.39 -18.28
CA ASN A 22 7.01 21.37 -19.33
C ASN A 22 5.87 20.86 -20.21
N LEU A 23 4.84 21.69 -20.38
CA LEU A 23 3.66 21.24 -21.12
C LEU A 23 3.98 21.08 -22.60
N LYS A 24 5.17 21.53 -23.01
CA LYS A 24 5.70 21.29 -24.36
C LYS A 24 6.20 19.85 -24.50
N ALA A 25 6.58 19.23 -23.38
CA ALA A 25 7.06 17.85 -23.40
C ALA A 25 5.92 16.89 -23.69
N ASP A 26 6.15 15.99 -24.65
CA ASP A 26 5.15 15.03 -25.07
C ASP A 26 5.48 13.66 -24.48
N PRO A 27 4.64 13.19 -23.55
CA PRO A 27 4.98 11.92 -22.86
C PRO A 27 4.89 10.72 -23.80
N GLU A 28 4.11 10.85 -24.88
CA GLU A 28 4.03 9.78 -25.87
C GLU A 28 5.32 9.67 -26.67
N GLU A 29 6.13 10.73 -26.66
CA GLU A 29 7.44 10.67 -27.28
C GLU A 29 8.52 10.26 -26.28
N LEU A 30 8.37 10.71 -25.03
CA LEU A 30 9.38 10.44 -24.01
C LEU A 30 9.25 9.05 -23.42
N PHE A 31 8.06 8.46 -23.52
CA PHE A 31 7.80 7.14 -22.98
C PHE A 31 7.10 6.24 -23.98
N THR A 32 7.50 4.97 -23.98
CA THR A 32 6.80 3.93 -24.74
C THR A 32 5.78 3.27 -23.82
N LYS A 33 4.50 3.49 -24.08
CA LYS A 33 3.45 2.94 -23.24
C LYS A 33 3.14 1.51 -23.65
N LEU A 34 3.22 0.60 -22.69
CA LEU A 34 3.05 -0.83 -22.97
C LEU A 34 1.74 -1.30 -22.34
N GLU A 35 1.70 -2.56 -21.89
CA GLU A 35 0.42 -3.14 -21.47
C GLU A 35 -0.08 -2.59 -20.13
N LYS A 36 -1.40 -2.65 -19.98
CA LYS A 36 -2.04 -2.27 -18.72
C LYS A 36 -1.64 -3.25 -17.64
N ILE A 37 -1.29 -2.76 -16.45
CA ILE A 37 -0.92 -3.68 -15.38
C ILE A 37 -1.81 -3.54 -14.15
N GLY A 38 -2.65 -2.50 -14.10
CA GLY A 38 -3.62 -2.42 -13.02
C GLY A 38 -4.44 -1.14 -12.98
N LYS A 39 -5.20 -1.01 -11.89
CA LYS A 39 -6.04 0.16 -11.65
C LYS A 39 -5.75 0.75 -10.27
N GLY A 40 -5.43 2.03 -10.22
CA GLY A 40 -5.23 2.70 -8.93
C GLY A 40 -6.52 3.23 -8.36
N SER A 41 -6.47 3.75 -7.13
CA SER A 41 -7.61 4.43 -6.53
C SER A 41 -8.05 5.55 -7.46
N PHE A 42 -7.09 6.10 -8.18
CA PHE A 42 -7.33 7.01 -9.30
C PHE A 42 -6.53 6.55 -10.49
N GLY A 43 -7.15 6.56 -11.68
CA GLY A 43 -6.44 6.27 -12.92
C GLY A 43 -6.13 4.82 -13.24
N GLU A 44 -5.62 4.60 -14.44
CA GLU A 44 -5.18 3.27 -14.88
C GLU A 44 -3.66 3.24 -14.95
N VAL A 45 -3.06 2.09 -14.66
CA VAL A 45 -1.61 1.99 -14.60
C VAL A 45 -1.05 1.07 -15.68
N PHE A 46 -0.03 1.54 -16.38
CA PHE A 46 0.62 0.80 -17.47
C PHE A 46 2.10 0.58 -17.21
N LYS A 47 2.60 -0.54 -17.70
CA LYS A 47 4.03 -0.72 -17.86
C LYS A 47 4.48 0.20 -18.99
N GLY A 48 5.63 0.85 -18.82
CA GLY A 48 6.14 1.72 -19.85
C GLY A 48 7.66 1.68 -19.91
N ILE A 49 8.22 2.22 -20.99
CA ILE A 49 9.65 2.40 -21.12
C ILE A 49 10.01 3.88 -21.22
N ASP A 50 10.93 4.32 -20.38
CA ASP A 50 11.55 5.63 -20.51
C ASP A 50 12.43 5.60 -21.76
N ASN A 51 12.10 6.39 -22.77
CA ASN A 51 12.82 6.26 -24.04
C ASN A 51 14.24 6.84 -24.02
N ARG A 52 14.57 7.58 -22.97
CA ARG A 52 15.92 8.16 -22.86
C ARG A 52 16.88 7.22 -22.13
N THR A 53 16.40 6.57 -21.07
CA THR A 53 17.24 5.69 -20.27
C THR A 53 17.05 4.22 -20.60
N GLN A 54 15.90 3.91 -21.19
CA GLN A 54 15.45 2.55 -21.51
C GLN A 54 15.07 1.76 -20.24
N LYS A 55 14.93 2.46 -19.12
CA LYS A 55 14.40 1.80 -17.93
C LYS A 55 12.90 1.62 -18.03
N VAL A 56 12.40 0.57 -17.40
CA VAL A 56 10.98 0.35 -17.30
C VAL A 56 10.43 1.26 -16.20
N VAL A 57 9.27 1.84 -16.46
CA VAL A 57 8.57 2.67 -15.48
C VAL A 57 7.12 2.21 -15.37
N ALA A 58 6.45 2.61 -14.30
CA ALA A 58 5.00 2.47 -14.23
C ALA A 58 4.37 3.80 -14.58
N ILE A 59 3.34 3.77 -15.42
CA ILE A 59 2.71 5.00 -15.85
C ILE A 59 1.26 5.02 -15.43
N LYS A 60 0.90 5.95 -14.56
CA LYS A 60 -0.49 6.10 -14.19
C LYS A 60 -1.12 7.19 -15.05
N ILE A 61 -2.18 6.82 -15.78
CA ILE A 61 -2.85 7.78 -16.65
C ILE A 61 -4.22 8.11 -16.11
N ILE A 62 -4.48 9.40 -15.92
CA ILE A 62 -5.78 9.87 -15.48
C ILE A 62 -6.38 10.83 -16.50
N ASP A 63 -7.64 10.61 -16.86
CA ASP A 63 -8.33 11.52 -17.76
C ASP A 63 -8.95 12.65 -16.94
N LEU A 64 -8.41 13.86 -17.09
CA LEU A 64 -8.83 14.99 -16.30
C LEU A 64 -10.20 15.55 -16.70
N GLU A 65 -10.64 15.28 -17.93
CA GLU A 65 -11.95 15.78 -18.35
C GLU A 65 -13.07 14.91 -17.82
N GLU A 66 -12.77 13.64 -17.59
CA GLU A 66 -13.76 12.75 -17.02
C GLU A 66 -13.79 12.91 -15.50
N ALA A 67 -12.75 13.51 -14.94
CA ALA A 67 -12.60 13.59 -13.49
C ALA A 67 -13.15 14.86 -12.85
N GLU A 68 -12.28 15.58 -12.13
CA GLU A 68 -12.63 16.61 -11.12
C GLU A 68 -13.61 16.07 -10.08
N ASP A 69 -13.45 16.61 -8.87
CA ASP A 69 -13.98 16.10 -7.59
C ASP A 69 -13.01 15.02 -7.14
N GLU A 70 -12.15 14.64 -8.07
CA GLU A 70 -11.07 13.72 -7.82
C GLU A 70 -9.75 14.43 -8.10
N ILE A 71 -9.81 15.58 -8.77
CA ILE A 71 -8.59 16.29 -9.13
C ILE A 71 -7.82 16.77 -7.90
N GLU A 72 -8.53 17.29 -6.90
CA GLU A 72 -7.90 17.61 -5.61
C GLU A 72 -7.19 16.39 -5.03
N ASP A 73 -7.87 15.25 -5.04
CA ASP A 73 -7.31 14.01 -4.50
C ASP A 73 -6.09 13.54 -5.30
N ILE A 74 -6.14 13.73 -6.62
CA ILE A 74 -5.01 13.39 -7.47
C ILE A 74 -3.82 14.30 -7.14
N GLN A 75 -4.08 15.59 -7.00
CA GLN A 75 -3.05 16.53 -6.60
C GLN A 75 -2.43 16.13 -5.27
N GLN A 76 -3.29 15.72 -4.32
CA GLN A 76 -2.85 15.31 -3.00
C GLN A 76 -1.94 14.07 -3.07
N GLU A 77 -2.32 13.09 -3.89
CA GLU A 77 -1.52 11.88 -4.05
C GLU A 77 -0.14 12.21 -4.58
N ILE A 78 -0.09 13.09 -5.57
CA ILE A 78 1.18 13.44 -6.19
C ILE A 78 2.03 14.26 -5.21
N THR A 79 1.37 15.15 -4.47
CA THR A 79 2.07 15.95 -3.47
C THR A 79 2.70 15.08 -2.39
N VAL A 80 1.94 14.12 -1.90
CA VAL A 80 2.42 13.22 -0.87
C VAL A 80 3.59 12.40 -1.42
N LEU A 81 3.44 11.85 -2.62
CA LEU A 81 4.52 11.09 -3.25
C LEU A 81 5.77 11.92 -3.41
N SER A 82 5.62 13.14 -3.90
CA SER A 82 6.75 14.02 -4.16
C SER A 82 7.52 14.38 -2.88
N GLN A 83 6.85 14.22 -1.74
CA GLN A 83 7.44 14.56 -0.45
C GLN A 83 8.07 13.36 0.25
N CYS A 84 7.91 12.17 -0.33
CA CYS A 84 8.51 10.97 0.24
C CYS A 84 9.83 10.63 -0.43
N ASP A 85 10.83 10.32 0.37
CA ASP A 85 12.11 9.87 -0.16
C ASP A 85 12.61 8.72 0.68
N SER A 86 12.18 7.52 0.30
CA SER A 86 12.42 6.33 1.11
C SER A 86 12.53 5.12 0.19
N PRO A 87 13.40 4.17 0.54
CA PRO A 87 13.46 2.91 -0.22
C PRO A 87 12.16 2.10 -0.08
N TYR A 88 11.27 2.50 0.84
CA TYR A 88 10.07 1.72 1.12
C TYR A 88 8.81 2.35 0.56
N VAL A 89 8.98 3.41 -0.22
CA VAL A 89 7.85 4.10 -0.85
C VAL A 89 8.13 4.27 -2.34
N THR A 90 7.19 3.86 -3.19
CA THR A 90 7.33 4.02 -4.65
C THR A 90 7.75 5.42 -5.03
N LYS A 91 8.84 5.52 -5.78
CA LYS A 91 9.37 6.81 -6.23
C LYS A 91 8.50 7.43 -7.32
N TYR A 92 8.46 8.76 -7.33
CA TYR A 92 7.68 9.54 -8.29
C TYR A 92 8.65 10.34 -9.16
N TYR A 93 8.50 10.25 -10.48
CA TYR A 93 9.48 10.86 -11.38
C TYR A 93 8.98 12.09 -12.11
N GLY A 94 7.73 12.47 -11.90
CA GLY A 94 7.20 13.66 -12.52
C GLY A 94 5.90 13.38 -13.25
N SER A 95 5.21 14.42 -13.68
CA SER A 95 3.94 14.28 -14.39
C SER A 95 3.94 15.06 -15.70
N TYR A 96 3.24 14.50 -16.69
CA TYR A 96 3.15 15.10 -18.01
C TYR A 96 1.70 15.23 -18.41
N LEU A 97 1.37 16.27 -19.17
CA LEU A 97 0.04 16.40 -19.71
C LEU A 97 0.07 16.14 -21.21
N LYS A 98 -0.82 15.26 -21.66
CA LYS A 98 -1.05 15.06 -23.09
C LYS A 98 -2.54 15.24 -23.35
N ASP A 99 -2.89 16.36 -23.98
CA ASP A 99 -4.28 16.76 -24.19
C ASP A 99 -5.05 16.76 -22.85
N THR A 100 -6.01 15.87 -22.67
CA THR A 100 -6.77 15.86 -21.41
C THR A 100 -6.26 14.85 -20.39
N LYS A 101 -5.18 14.14 -20.72
CA LYS A 101 -4.73 13.04 -19.88
C LYS A 101 -3.44 13.37 -19.15
N LEU A 102 -3.43 13.06 -17.86
CA LEU A 102 -2.25 13.27 -17.04
C LEU A 102 -1.47 11.96 -16.97
N TRP A 103 -0.19 12.01 -17.35
CA TRP A 103 0.70 10.86 -17.22
C TRP A 103 1.58 11.03 -15.98
N ILE A 104 1.39 10.14 -15.01
CA ILE A 104 2.17 10.15 -13.79
C ILE A 104 3.23 9.04 -13.83
N ILE A 105 4.50 9.43 -13.81
CA ILE A 105 5.59 8.48 -14.02
C ILE A 105 6.10 7.99 -12.66
N MET A 106 6.06 6.68 -12.47
CA MET A 106 6.38 6.06 -11.19
C MET A 106 7.46 5.01 -11.34
N GLU A 107 8.17 4.77 -10.23
CA GLU A 107 9.10 3.66 -10.11
C GLU A 107 8.40 2.34 -10.43
N TYR A 108 9.02 1.51 -11.26
CA TYR A 108 8.40 0.24 -11.64
C TYR A 108 8.83 -0.86 -10.67
N LEU A 109 7.87 -1.61 -10.18
CA LEU A 109 8.17 -2.74 -9.30
C LEU A 109 7.73 -4.03 -9.97
N GLY A 110 8.69 -4.76 -10.51
CA GLY A 110 8.42 -5.86 -11.41
C GLY A 110 7.79 -7.07 -10.80
N GLY A 111 7.81 -7.18 -9.47
CA GLY A 111 7.27 -8.35 -8.82
C GLY A 111 5.76 -8.30 -8.60
N GLY A 112 5.15 -7.13 -8.81
CA GLY A 112 3.72 -7.01 -8.61
C GLY A 112 3.38 -6.89 -7.14
N SER A 113 2.10 -7.03 -6.80
CA SER A 113 1.67 -6.83 -5.40
C SER A 113 1.77 -8.11 -4.60
N ALA A 114 1.85 -7.97 -3.29
CA ALA A 114 1.77 -9.12 -2.40
C ALA A 114 0.48 -9.91 -2.63
N LEU A 115 -0.62 -9.22 -2.95
CA LEU A 115 -1.87 -9.91 -3.25
C LEU A 115 -1.73 -10.82 -4.48
N ASP A 116 -1.13 -10.30 -5.54
CA ASP A 116 -0.82 -11.09 -6.74
C ASP A 116 -0.01 -12.33 -6.36
N LEU A 117 0.97 -12.14 -5.49
CA LEU A 117 1.92 -13.20 -5.20
C LEU A 117 1.30 -14.30 -4.36
N LEU A 118 0.12 -14.02 -3.81
CA LEU A 118 -0.66 -15.00 -3.04
C LEU A 118 -1.45 -15.97 -3.92
N GLU A 119 -1.65 -15.61 -5.18
CA GLU A 119 -2.49 -16.44 -6.06
C GLU A 119 -2.00 -17.88 -6.22
N PRO A 120 -0.68 -18.13 -6.30
CA PRO A 120 -0.32 -19.55 -6.43
C PRO A 120 -0.58 -20.40 -5.19
N GLY A 121 -0.66 -19.78 -4.01
CA GLY A 121 -0.90 -20.53 -2.80
C GLY A 121 -0.39 -19.79 -1.59
N PRO A 122 -0.49 -20.41 -0.41
CA PRO A 122 -0.14 -19.75 0.85
C PRO A 122 1.34 -19.34 0.95
N LEU A 123 1.58 -18.31 1.76
CA LEU A 123 2.91 -17.90 2.15
C LEU A 123 3.36 -18.73 3.33
N ASP A 124 4.67 -18.83 3.56
CA ASP A 124 5.12 -19.41 4.82
C ASP A 124 5.39 -18.28 5.81
N GLU A 125 5.66 -18.59 7.06
CA GLU A 125 5.74 -17.51 8.04
C GLU A 125 7.02 -16.68 7.88
N THR A 126 8.06 -17.26 7.30
CA THR A 126 9.26 -16.46 7.00
C THR A 126 8.91 -15.38 5.97
N GLN A 127 8.16 -15.76 4.93
CA GLN A 127 7.75 -14.81 3.91
C GLN A 127 6.82 -13.74 4.51
N ILE A 128 5.86 -14.18 5.31
CA ILE A 128 4.94 -13.26 5.97
C ILE A 128 5.70 -12.26 6.84
N ALA A 129 6.62 -12.77 7.68
CA ALA A 129 7.38 -11.90 8.56
C ALA A 129 8.24 -10.90 7.78
N THR A 130 8.84 -11.36 6.70
CA THR A 130 9.71 -10.51 5.90
C THR A 130 8.93 -9.37 5.25
N ILE A 131 7.78 -9.71 4.68
CA ILE A 131 6.94 -8.70 4.05
C ILE A 131 6.39 -7.73 5.09
N LEU A 132 5.90 -8.23 6.22
CA LEU A 132 5.43 -7.34 7.29
C LEU A 132 6.54 -6.44 7.83
N ARG A 133 7.74 -6.98 8.01
CA ARG A 133 8.86 -6.14 8.43
C ARG A 133 9.10 -4.97 7.47
N GLU A 134 9.07 -5.25 6.17
CA GLU A 134 9.35 -4.17 5.21
C GLU A 134 8.21 -3.15 5.16
N ILE A 135 6.97 -3.62 5.31
CA ILE A 135 5.83 -2.71 5.40
C ILE A 135 6.01 -1.82 6.63
N LEU A 136 6.43 -2.42 7.74
CA LEU A 136 6.68 -1.68 8.98
C LEU A 136 7.77 -0.62 8.80
N LYS A 137 8.81 -0.93 8.02
CA LYS A 137 9.84 0.07 7.72
C LYS A 137 9.22 1.25 6.97
N GLY A 138 8.34 0.95 6.02
CA GLY A 138 7.64 1.99 5.30
C GLY A 138 6.72 2.82 6.18
N LEU A 139 5.98 2.16 7.06
CA LEU A 139 5.07 2.88 7.95
C LEU A 139 5.85 3.76 8.92
N ASP A 140 6.98 3.25 9.39
CA ASP A 140 7.81 4.00 10.33
C ASP A 140 8.28 5.28 9.66
N TYR A 141 8.67 5.16 8.40
CA TYR A 141 9.09 6.33 7.65
C TYR A 141 7.93 7.32 7.53
N LEU A 142 6.79 6.84 7.03
CA LEU A 142 5.65 7.71 6.80
C LEU A 142 5.18 8.39 8.08
N HIS A 143 5.05 7.62 9.15
CA HIS A 143 4.53 8.15 10.40
C HIS A 143 5.50 9.17 11.01
N SER A 144 6.79 8.95 10.82
CA SER A 144 7.79 9.92 11.28
C SER A 144 7.67 11.24 10.50
N GLU A 145 7.20 11.16 9.26
CA GLU A 145 6.95 12.34 8.42
C GLU A 145 5.55 12.93 8.63
N LYS A 146 4.87 12.42 9.66
CA LYS A 146 3.51 12.85 10.01
C LYS A 146 2.51 12.55 8.91
N LYS A 147 2.81 11.51 8.13
CA LYS A 147 1.90 11.04 7.09
C LYS A 147 1.20 9.74 7.52
N ILE A 148 -0.05 9.58 7.10
CA ILE A 148 -0.81 8.34 7.31
C ILE A 148 -1.20 7.80 5.95
N HIS A 149 -0.97 6.50 5.73
CA HIS A 149 -1.25 5.93 4.41
C HIS A 149 -2.75 5.79 4.17
N ARG A 150 -3.43 5.19 5.16
CA ARG A 150 -4.89 5.00 5.20
C ARG A 150 -5.47 4.00 4.20
N ASP A 151 -4.61 3.34 3.42
CA ASP A 151 -5.09 2.26 2.57
C ASP A 151 -4.09 1.11 2.53
N ILE A 152 -3.58 0.73 3.70
CA ILE A 152 -2.68 -0.41 3.78
C ILE A 152 -3.46 -1.72 3.57
N LYS A 153 -3.01 -2.49 2.58
CA LYS A 153 -3.56 -3.80 2.27
C LYS A 153 -2.60 -4.49 1.31
N ALA A 154 -2.71 -5.80 1.14
CA ALA A 154 -1.73 -6.54 0.33
C ALA A 154 -1.65 -6.04 -1.13
N ALA A 155 -2.76 -5.53 -1.66
CA ALA A 155 -2.76 -5.04 -3.05
C ALA A 155 -1.90 -3.77 -3.21
N ASN A 156 -1.68 -3.07 -2.10
CA ASN A 156 -0.90 -1.82 -2.15
C ASN A 156 0.53 -2.01 -1.64
N VAL A 157 0.93 -3.27 -1.50
CA VAL A 157 2.29 -3.64 -1.13
C VAL A 157 2.96 -4.28 -2.34
N LEU A 158 3.93 -3.58 -2.91
CA LEU A 158 4.54 -3.99 -4.18
C LEU A 158 5.97 -4.47 -4.01
N LEU A 159 6.36 -5.45 -4.82
CA LEU A 159 7.71 -6.00 -4.77
C LEU A 159 8.49 -5.71 -6.04
N SER A 160 9.78 -5.40 -5.89
CA SER A 160 10.65 -5.29 -7.06
C SER A 160 11.05 -6.68 -7.54
N GLU A 161 11.72 -6.73 -8.69
CA GLU A 161 12.24 -7.97 -9.23
C GLU A 161 13.31 -8.57 -8.29
N HIS A 162 13.86 -7.75 -7.40
CA HIS A 162 14.89 -8.22 -6.46
C HIS A 162 14.31 -8.64 -5.12
N GLY A 163 13.00 -8.51 -4.95
CA GLY A 163 12.34 -8.87 -3.70
C GLY A 163 12.18 -7.71 -2.73
N GLU A 164 12.56 -6.51 -3.15
CA GLU A 164 12.35 -5.31 -2.33
C GLU A 164 10.86 -5.07 -2.16
N VAL A 165 10.45 -4.58 -1.00
CA VAL A 165 9.04 -4.39 -0.69
C VAL A 165 8.74 -2.93 -0.46
N LYS A 166 7.78 -2.37 -1.20
CA LYS A 166 7.47 -0.94 -1.13
C LYS A 166 5.97 -0.67 -1.03
N LEU A 167 5.62 0.43 -0.36
CA LEU A 167 4.22 0.86 -0.26
C LEU A 167 3.82 1.66 -1.48
N ALA A 168 2.60 1.47 -1.92
CA ALA A 168 2.07 2.15 -3.11
C ALA A 168 0.67 2.67 -2.88
N ASP A 169 0.19 3.43 -3.87
CA ASP A 169 -1.13 4.04 -3.91
C ASP A 169 -1.41 4.94 -2.70
N PHE A 170 -0.98 6.18 -2.83
CA PHE A 170 -1.18 7.17 -1.79
C PHE A 170 -2.39 8.02 -2.09
N GLY A 171 -3.36 7.41 -2.78
CA GLY A 171 -4.56 8.07 -3.22
C GLY A 171 -5.41 8.65 -2.12
N VAL A 172 -5.30 8.10 -0.92
CA VAL A 172 -6.08 8.62 0.20
C VAL A 172 -5.21 8.93 1.41
N ALA A 173 -3.91 9.12 1.18
CA ALA A 173 -2.98 9.40 2.28
C ALA A 173 -3.27 10.75 2.93
N GLY A 174 -3.09 10.83 4.25
CA GLY A 174 -3.35 12.05 4.98
C GLY A 174 -2.08 12.65 5.58
N GLN A 175 -2.12 13.94 5.85
CA GLN A 175 -0.97 14.63 6.44
C GLN A 175 -1.36 15.31 7.75
N LEU A 176 -0.61 15.01 8.80
CA LEU A 176 -0.78 15.66 10.08
C LEU A 176 0.10 16.90 10.14
N THR A 177 -0.40 17.95 10.78
CA THR A 177 0.36 19.17 10.98
C THR A 177 0.32 19.53 12.46
N ASP A 178 0.81 20.72 12.82
CA ASP A 178 0.79 21.13 14.22
C ASP A 178 -0.52 21.80 14.60
N THR A 179 -1.33 22.14 13.59
CA THR A 179 -2.67 22.66 13.82
C THR A 179 -3.70 21.56 13.59
N GLN A 180 -3.27 20.47 12.97
CA GLN A 180 -4.15 19.35 12.68
C GLN A 180 -3.49 18.06 13.14
N ILE A 181 -3.65 17.75 14.43
CA ILE A 181 -2.95 16.64 15.08
C ILE A 181 -3.61 15.30 14.77
N LYS A 182 -4.88 15.36 14.40
CA LYS A 182 -5.67 14.17 14.06
C LYS A 182 -6.46 14.40 12.77
N ARG A 183 -6.86 13.31 12.11
CA ARG A 183 -7.77 13.41 10.98
C ARG A 183 -9.10 12.77 11.35
N ASN A 184 -10.15 13.02 10.57
CA ASN A 184 -11.42 12.34 10.79
C ASN A 184 -12.12 11.87 9.50
N PHE A 186 -13.46 9.81 6.39
CA PHE A 186 -13.82 8.44 6.04
C PHE A 186 -13.15 8.03 4.73
N VAL A 187 -11.97 7.43 4.81
CA VAL A 187 -11.29 6.91 3.63
C VAL A 187 -10.66 5.57 3.93
N GLY A 188 -10.41 4.79 2.88
CA GLY A 188 -9.77 3.49 3.02
C GLY A 188 -10.53 2.44 2.25
N THR A 189 -10.18 1.18 2.50
CA THR A 189 -10.94 0.06 1.95
C THR A 189 -11.60 -0.65 3.13
N PRO A 190 -12.95 -0.69 3.14
CA PRO A 190 -13.74 -1.11 4.31
C PRO A 190 -13.17 -2.29 5.11
N PHE A 191 -12.80 -3.40 4.47
CA PHE A 191 -12.35 -4.57 5.23
C PHE A 191 -11.09 -4.27 6.06
N TRP A 192 -10.32 -3.29 5.60
CA TRP A 192 -9.04 -2.98 6.24
C TRP A 192 -9.10 -1.74 7.13
N MET A 193 -10.25 -1.07 7.19
CA MET A 193 -10.37 0.21 7.90
C MET A 193 -10.47 0.04 9.42
N ALA A 194 -9.79 0.90 10.16
CA ALA A 194 -9.85 0.88 11.62
C ALA A 194 -11.23 1.33 12.10
N PRO A 195 -11.67 0.82 13.26
CA PRO A 195 -12.99 1.21 13.79
C PRO A 195 -13.13 2.71 13.95
N GLU A 196 -12.08 3.39 14.42
CA GLU A 196 -12.19 4.83 14.64
C GLU A 196 -12.29 5.60 13.30
N VAL A 197 -11.76 5.04 12.22
CA VAL A 197 -11.88 5.70 10.91
C VAL A 197 -13.32 5.55 10.39
N ILE A 198 -13.86 4.33 10.51
CA ILE A 198 -15.24 4.07 10.14
C ILE A 198 -16.22 4.94 10.93
N LYS A 199 -15.95 5.13 12.21
CA LYS A 199 -16.83 5.95 13.04
C LYS A 199 -16.55 7.44 12.85
N GLN A 200 -15.51 7.75 12.07
CA GLN A 200 -15.05 9.12 11.84
C GLN A 200 -14.73 9.85 13.15
N SER A 201 -14.19 9.10 14.10
CA SER A 201 -13.58 9.67 15.28
C SER A 201 -12.24 10.28 14.92
N ALA A 202 -11.70 11.13 15.79
CA ALA A 202 -10.36 11.65 15.58
C ALA A 202 -9.38 10.48 15.56
N TYR A 203 -8.52 10.43 14.55
CA TYR A 203 -7.56 9.32 14.45
C TYR A 203 -6.22 9.80 13.90
N ASP A 204 -5.20 8.95 14.03
CA ASP A 204 -3.87 9.29 13.53
C ASP A 204 -3.18 8.05 12.95
N SER A 205 -1.86 7.99 13.05
CA SER A 205 -1.11 6.90 12.45
C SER A 205 -1.49 5.52 12.97
N LYS A 206 -2.10 5.46 14.17
CA LYS A 206 -2.50 4.17 14.72
C LYS A 206 -3.55 3.47 13.83
N ALA A 207 -4.27 4.24 13.00
CA ALA A 207 -5.20 3.64 12.06
C ALA A 207 -4.48 2.72 11.08
N ASP A 208 -3.27 3.11 10.67
CA ASP A 208 -2.43 2.28 9.79
C ASP A 208 -2.01 0.99 10.48
N ILE A 209 -1.79 1.05 11.80
CA ILE A 209 -1.40 -0.14 12.54
C ILE A 209 -2.53 -1.16 12.54
N TRP A 210 -3.77 -0.71 12.71
CA TRP A 210 -4.92 -1.61 12.59
C TRP A 210 -4.95 -2.23 11.18
N SER A 211 -4.82 -1.40 10.16
CA SER A 211 -4.84 -1.91 8.79
C SER A 211 -3.72 -2.92 8.58
N LEU A 212 -2.59 -2.67 9.23
CA LEU A 212 -1.48 -3.62 9.16
C LEU A 212 -1.88 -4.97 9.75
N GLY A 213 -2.60 -4.97 10.86
CA GLY A 213 -3.10 -6.20 11.47
C GLY A 213 -4.00 -6.98 10.52
N ILE A 214 -4.88 -6.27 9.82
CA ILE A 214 -5.75 -6.91 8.84
C ILE A 214 -4.89 -7.48 7.71
N THR A 215 -3.88 -6.73 7.32
CA THR A 215 -3.02 -7.15 6.22
C THR A 215 -2.22 -8.39 6.60
N ALA A 216 -1.86 -8.47 7.88
CA ALA A 216 -1.18 -9.67 8.40
C ALA A 216 -2.08 -10.90 8.26
N ILE A 217 -3.36 -10.76 8.60
CA ILE A 217 -4.30 -11.87 8.42
C ILE A 217 -4.44 -12.22 6.95
N GLU A 218 -4.49 -11.18 6.12
CA GLU A 218 -4.61 -11.34 4.68
C GLU A 218 -3.41 -12.12 4.11
N LEU A 219 -2.22 -11.83 4.61
CA LEU A 219 -1.00 -12.50 4.12
C LEU A 219 -0.96 -13.95 4.61
N ALA A 220 -1.57 -14.20 5.76
CA ALA A 220 -1.55 -15.54 6.35
C ALA A 220 -2.63 -16.44 5.78
N ARG A 221 -3.82 -15.89 5.60
CA ARG A 221 -4.99 -16.67 5.20
C ARG A 221 -5.41 -16.44 3.75
N GLY A 222 -4.90 -15.37 3.12
CA GLY A 222 -5.21 -15.12 1.73
C GLY A 222 -6.30 -14.08 1.51
N GLU A 223 -7.06 -13.77 2.57
CA GLU A 223 -8.17 -12.82 2.53
C GLU A 223 -8.31 -12.12 3.88
N PRO A 224 -8.89 -10.91 3.92
CA PRO A 224 -9.10 -10.28 5.22
C PRO A 224 -10.33 -10.86 5.94
N PRO A 225 -10.51 -10.56 7.24
CA PRO A 225 -11.75 -10.94 7.91
C PRO A 225 -12.97 -10.33 7.22
N HIS A 226 -14.09 -11.05 7.23
CA HIS A 226 -15.37 -10.59 6.67
C HIS A 226 -15.40 -10.54 5.15
N SER A 227 -14.45 -11.19 4.49
CA SER A 227 -14.29 -11.02 3.05
C SER A 227 -15.50 -11.57 2.27
N GLU A 228 -16.29 -12.42 2.91
CA GLU A 228 -17.48 -13.00 2.30
C GLU A 228 -18.72 -12.11 2.42
N LEU A 229 -18.58 -10.96 3.07
CA LEU A 229 -19.72 -10.11 3.35
C LEU A 229 -19.74 -8.85 2.48
N HIS A 230 -20.92 -8.26 2.33
CA HIS A 230 -21.06 -6.99 1.63
C HIS A 230 -20.32 -5.92 2.42
N PRO A 231 -19.51 -5.09 1.75
CA PRO A 231 -18.76 -3.99 2.36
C PRO A 231 -19.60 -3.15 3.31
N MET A 232 -20.88 -2.96 3.02
CA MET A 232 -21.71 -2.11 3.86
C MET A 232 -21.89 -2.70 5.25
N LYS A 233 -21.91 -4.02 5.33
CA LYS A 233 -22.13 -4.68 6.60
C LYS A 233 -20.95 -4.46 7.57
N VAL A 234 -19.74 -4.33 7.05
CA VAL A 234 -18.61 -4.15 7.96
C VAL A 234 -18.60 -2.73 8.54
N LEU A 235 -19.44 -1.84 8.00
CA LEU A 235 -19.54 -0.48 8.53
C LEU A 235 -20.15 -0.48 9.93
N PHE A 236 -20.96 -1.47 10.26
CA PHE A 236 -21.38 -1.60 11.65
C PHE A 236 -20.69 -2.77 12.34
N LEU A 237 -20.31 -3.80 11.59
CA LEU A 237 -19.65 -4.95 12.20
C LEU A 237 -18.30 -4.60 12.83
N ILE A 238 -17.49 -3.80 12.13
CA ILE A 238 -16.15 -3.52 12.64
C ILE A 238 -16.20 -2.69 13.94
N PRO A 239 -17.00 -1.61 13.98
CA PRO A 239 -17.09 -0.87 15.25
C PRO A 239 -17.75 -1.62 16.40
N LYS A 240 -18.68 -2.54 16.12
CA LYS A 240 -19.44 -3.15 17.21
C LYS A 240 -18.86 -4.49 17.69
N ASN A 241 -18.15 -5.19 16.82
CA ASN A 241 -17.65 -6.51 17.17
C ASN A 241 -16.29 -6.44 17.85
N ASN A 242 -15.97 -7.48 18.62
CA ASN A 242 -14.60 -7.66 19.06
C ASN A 242 -13.70 -7.70 17.83
N PRO A 243 -12.44 -7.30 17.99
CA PRO A 243 -11.53 -7.28 16.84
C PRO A 243 -11.29 -8.68 16.31
N PRO A 244 -10.98 -8.80 15.01
CA PRO A 244 -10.67 -10.12 14.47
C PRO A 244 -9.43 -10.69 15.10
N THR A 245 -9.32 -12.01 15.12
CA THR A 245 -8.07 -12.66 15.49
C THR A 245 -7.66 -13.58 14.35
N LEU A 246 -6.41 -14.02 14.36
CA LEU A 246 -5.94 -14.92 13.31
C LEU A 246 -6.26 -16.35 13.70
N GLU A 247 -7.15 -16.99 12.95
CA GLU A 247 -7.61 -18.33 13.27
C GLU A 247 -6.94 -19.35 12.37
N GLY A 248 -6.54 -20.48 12.94
CA GLY A 248 -5.89 -21.52 12.18
C GLY A 248 -4.56 -21.90 12.80
N ASN A 249 -3.85 -22.81 12.14
CA ASN A 249 -2.62 -23.34 12.70
C ASN A 249 -1.41 -22.46 12.38
N TYR A 250 -1.34 -21.30 13.04
CA TYR A 250 -0.26 -20.34 12.85
C TYR A 250 0.48 -20.18 14.16
N SER A 251 1.74 -19.77 14.10
CA SER A 251 2.55 -19.65 15.31
C SER A 251 1.91 -18.69 16.29
N LYS A 252 2.13 -18.94 17.59
CA LYS A 252 1.63 -18.00 18.58
C LYS A 252 2.21 -16.58 18.41
N PRO A 253 3.52 -16.46 18.08
CA PRO A 253 4.01 -15.09 17.82
C PRO A 253 3.25 -14.37 16.71
N LEU A 254 2.90 -15.07 15.64
CA LEU A 254 2.16 -14.43 14.55
C LEU A 254 0.77 -14.03 15.05
N LYS A 255 0.12 -14.93 15.77
CA LYS A 255 -1.19 -14.64 16.33
C LYS A 255 -1.14 -13.43 17.26
N GLU A 256 -0.07 -13.32 18.04
CA GLU A 256 0.06 -12.19 18.97
C GLU A 256 0.40 -10.89 18.24
N PHE A 257 1.17 -10.99 17.16
CA PHE A 257 1.45 -9.81 16.32
C PHE A 257 0.12 -9.22 15.81
N VAL A 258 -0.71 -10.09 15.24
CA VAL A 258 -2.03 -9.70 14.78
C VAL A 258 -2.84 -9.07 15.91
N GLU A 259 -2.87 -9.72 17.08
CA GLU A 259 -3.64 -9.18 18.21
C GLU A 259 -3.11 -7.82 18.68
N ALA A 260 -1.79 -7.64 18.63
CA ALA A 260 -1.20 -6.35 19.00
C ALA A 260 -1.75 -5.22 18.15
N CYS A 261 -1.83 -5.46 16.84
CA CYS A 261 -2.36 -4.47 15.89
C CYS A 261 -3.86 -4.26 16.02
N LEU A 262 -4.58 -5.37 16.18
CA LEU A 262 -6.04 -5.31 16.18
C LEU A 262 -6.61 -5.16 17.58
N ASN A 263 -6.37 -4.00 18.17
CA ASN A 263 -7.04 -3.61 19.41
C ASN A 263 -8.00 -2.46 19.10
N LYS A 264 -9.21 -2.51 19.67
CA LYS A 264 -10.20 -1.45 19.44
C LYS A 264 -9.71 -0.09 19.95
N GLU A 265 -8.85 -0.11 20.97
CA GLU A 265 -8.28 1.13 21.52
C GLU A 265 -6.96 1.47 20.82
N PRO A 266 -6.94 2.58 20.05
CA PRO A 266 -5.75 2.92 19.26
C PRO A 266 -4.49 3.10 20.10
N SER A 267 -4.62 3.63 21.30
CA SER A 267 -3.45 3.83 22.15
C SER A 267 -2.87 2.50 22.66
N PHE A 268 -3.63 1.41 22.56
CA PHE A 268 -3.15 0.08 22.96
C PHE A 268 -2.39 -0.61 21.82
N ARG A 269 -2.45 -0.03 20.61
CA ARG A 269 -1.70 -0.59 19.48
C ARG A 269 -0.27 -0.06 19.54
N PRO A 270 0.72 -0.94 19.30
CA PRO A 270 2.09 -0.44 19.29
C PRO A 270 2.34 0.45 18.08
N THR A 271 3.42 1.21 18.13
CA THR A 271 3.91 1.96 16.98
C THR A 271 4.57 1.03 15.97
N ALA A 272 4.74 1.51 14.74
CA ALA A 272 5.46 0.73 13.73
C ALA A 272 6.89 0.41 14.18
N LYS A 273 7.55 1.43 14.75
CA LYS A 273 8.89 1.27 15.29
C LYS A 273 8.97 0.15 16.33
N GLU A 274 7.99 0.10 17.22
CA GLU A 274 7.96 -0.96 18.22
C GLU A 274 7.74 -2.33 17.60
N LEU A 275 6.86 -2.41 16.59
CA LEU A 275 6.56 -3.70 15.97
C LEU A 275 7.74 -4.28 15.21
N LEU A 276 8.69 -3.44 14.79
CA LEU A 276 9.90 -3.94 14.13
C LEU A 276 10.71 -4.84 15.06
N LYS A 277 10.48 -4.72 16.36
CA LYS A 277 11.19 -5.53 17.36
C LYS A 277 10.31 -6.64 17.92
N HIS A 278 9.14 -6.84 17.33
CA HIS A 278 8.22 -7.86 17.79
C HIS A 278 8.87 -9.23 17.58
N LYS A 279 8.67 -10.14 18.53
CA LYS A 279 9.26 -11.48 18.42
C LYS A 279 8.85 -12.21 17.14
N PHE A 280 7.66 -11.98 16.61
CA PHE A 280 7.33 -12.67 15.36
C PHE A 280 8.29 -12.20 14.26
N ILE A 281 8.55 -10.90 14.20
CA ILE A 281 9.40 -10.36 13.16
C ILE A 281 10.84 -10.84 13.35
N LEU A 282 11.37 -10.71 14.56
CA LEU A 282 12.77 -11.04 14.80
C LEU A 282 13.04 -12.53 14.62
N ARG A 283 12.09 -13.37 15.00
CA ARG A 283 12.33 -14.81 14.92
C ARG A 283 12.17 -15.37 13.51
N ASN A 284 11.40 -14.70 12.66
CA ASN A 284 11.02 -15.30 11.38
C ASN A 284 11.46 -14.58 10.11
N ALA A 285 11.55 -13.24 10.15
CA ALA A 285 11.95 -12.48 8.97
C ALA A 285 13.39 -12.77 8.55
N LYS A 286 13.62 -12.80 7.24
CA LYS A 286 14.97 -13.00 6.71
C LYS A 286 15.24 -11.95 5.64
N LYS A 287 16.36 -12.05 4.92
CA LYS A 287 16.67 -10.98 3.97
C LYS A 287 15.66 -10.95 2.83
N THR A 288 15.41 -9.75 2.30
CA THR A 288 14.32 -9.58 1.35
C THR A 288 14.62 -10.26 0.04
N SER A 289 15.91 -10.49 -0.25
CA SER A 289 16.31 -11.13 -1.50
C SER A 289 15.68 -12.52 -1.66
N TYR A 290 15.38 -13.18 -0.54
CA TYR A 290 14.72 -14.50 -0.59
C TYR A 290 13.31 -14.44 -1.17
N LEU A 291 12.71 -13.26 -1.20
CA LEU A 291 11.35 -13.13 -1.72
C LEU A 291 11.32 -13.29 -3.25
N THR A 292 12.48 -13.32 -3.89
CA THR A 292 12.51 -13.58 -5.33
C THR A 292 11.95 -14.98 -5.62
N GLU A 293 12.01 -15.86 -4.64
CA GLU A 293 11.47 -17.20 -4.79
C GLU A 293 9.96 -17.09 -4.97
N LEU A 294 9.38 -16.12 -4.29
CA LEU A 294 7.95 -15.89 -4.34
C LEU A 294 7.53 -15.36 -5.71
N ILE A 295 8.36 -14.49 -6.28
CA ILE A 295 8.13 -14.00 -7.63
C ILE A 295 8.29 -15.13 -8.67
N ASP A 296 9.32 -15.96 -8.51
CA ASP A 296 9.51 -17.09 -9.41
C ASP A 296 8.33 -18.05 -9.36
N ARG A 297 7.79 -18.28 -8.17
CA ARG A 297 6.64 -19.15 -8.03
C ARG A 297 5.47 -18.62 -8.84
N TYR A 298 5.23 -17.31 -8.74
CA TYR A 298 4.14 -16.67 -9.47
C TYR A 298 4.38 -16.78 -10.97
N LYS A 299 5.62 -16.59 -11.39
CA LYS A 299 5.95 -16.67 -12.81
C LYS A 299 5.66 -18.07 -13.36
N ARG A 300 6.10 -19.09 -12.65
CA ARG A 300 5.85 -20.47 -13.09
C ARG A 300 4.36 -20.80 -13.04
N TRP A 301 3.66 -20.27 -12.05
CA TRP A 301 2.24 -20.53 -11.88
C TRP A 301 1.38 -19.98 -13.02
N LYS A 302 1.61 -18.73 -13.40
CA LYS A 302 0.78 -18.10 -14.42
C LYS A 302 1.20 -18.53 -15.81
N ALA A 303 2.38 -19.16 -15.89
CA ALA A 303 2.76 -19.85 -17.12
C ALA A 303 1.84 -21.06 -17.30
N GLU A 304 1.38 -21.60 -16.17
CA GLU A 304 0.46 -22.73 -16.14
C GLU A 304 1.10 -23.97 -16.73
#